data_1UTY
#
_entry.id   1UTY
#
_cell.length_a   102.296
_cell.length_b   102.296
_cell.length_c   77.915
_cell.angle_alpha   90.00
_cell.angle_beta   90.00
_cell.angle_gamma   120.00
#
_symmetry.space_group_name_H-M   'P 65'
#
loop_
_entity.id
_entity.type
_entity.pdbx_description
1 polymer 'NON-STRUCTURAL PROTEIN 2'
2 water water
#
_entity_poly.entity_id   1
_entity_poly.type   'polypeptide(L)'
_entity_poly.pdbx_seq_one_letter_code
;MEQKQRRFTKNIFVLDVTAKTLCGAIAKLSSQPYCQIKIGRVVAFKPVKNPEPKGYVLNVPGPGAYRIQDGQDIISLMLT
PHGVEATTERWEEWKFEGVSVTPMATRVQYNGVMVDAEIKYCKGMGIVQPYMRNDFDRNEMPDLPGVMRSNYDIRELRQK
IKNERESAPRLQVHSVARPGSENLYPQ
;
_entity_poly.pdbx_strand_id   A,B
#
# COMPACT_ATOMS: atom_id res chain seq x y z
N PHE A 8 -12.28 -11.30 -12.30
CA PHE A 8 -11.72 -10.80 -13.60
C PHE A 8 -10.19 -11.01 -13.66
N THR A 9 -9.66 -10.95 -14.88
CA THR A 9 -8.27 -11.25 -15.19
C THR A 9 -7.35 -10.04 -14.95
N LYS A 10 -6.22 -10.25 -14.29
CA LYS A 10 -5.22 -9.20 -14.16
C LYS A 10 -3.92 -9.54 -14.91
N ASN A 11 -3.36 -8.52 -15.58
CA ASN A 11 -2.10 -8.64 -16.31
C ASN A 11 -1.00 -7.78 -15.74
N ILE A 12 0.01 -8.44 -15.21
CA ILE A 12 1.13 -7.76 -14.58
C ILE A 12 2.34 -7.97 -15.48
N PHE A 13 2.97 -6.86 -15.84
CA PHE A 13 4.13 -6.86 -16.69
C PHE A 13 5.29 -6.40 -15.82
N VAL A 14 6.11 -7.35 -15.39
CA VAL A 14 7.23 -7.04 -14.52
C VAL A 14 8.35 -6.50 -15.37
N LEU A 15 8.82 -5.30 -15.01
CA LEU A 15 10.01 -4.70 -15.57
C LEU A 15 11.07 -4.83 -14.49
N ASP A 16 12.03 -5.72 -14.73
CA ASP A 16 13.11 -6.02 -13.79
C ASP A 16 14.42 -6.00 -14.55
N VAL A 17 14.96 -4.80 -14.74
CA VAL A 17 16.12 -4.55 -15.62
C VAL A 17 17.42 -5.20 -15.12
N THR A 18 17.61 -5.26 -13.79
CA THR A 18 18.81 -5.91 -13.24
C THR A 18 18.68 -7.42 -13.22
N ALA A 19 17.49 -7.91 -13.54
CA ALA A 19 17.24 -9.35 -13.72
C ALA A 19 17.66 -10.20 -12.51
N LYS A 20 17.37 -9.71 -11.32
CA LYS A 20 17.65 -10.48 -10.09
C LYS A 20 16.42 -11.30 -9.68
N THR A 21 15.26 -11.02 -10.27
CA THR A 21 14.10 -11.90 -10.06
C THR A 21 14.03 -12.93 -11.17
N LEU A 22 13.37 -14.05 -10.90
CA LEU A 22 13.14 -15.04 -11.94
C LEU A 22 12.57 -14.38 -13.21
N CYS A 23 11.55 -13.55 -13.03
CA CYS A 23 10.95 -12.71 -14.07
C CYS A 23 11.95 -11.97 -14.93
N GLY A 24 12.87 -11.26 -14.26
CA GLY A 24 13.88 -10.47 -14.93
C GLY A 24 14.89 -11.32 -15.69
N ALA A 25 15.30 -12.42 -15.05
CA ALA A 25 16.27 -13.35 -15.65
C ALA A 25 15.73 -13.89 -16.96
N ILE A 26 14.47 -14.33 -16.90
CA ILE A 26 13.78 -14.94 -18.03
C ILE A 26 13.54 -13.93 -19.15
N ALA A 27 13.10 -12.72 -18.80
CA ALA A 27 12.93 -11.67 -19.78
C ALA A 27 14.25 -11.40 -20.51
N LYS A 28 15.33 -11.28 -19.72
CA LYS A 28 16.68 -11.03 -20.22
C LYS A 28 17.16 -12.17 -21.12
N LEU A 29 17.02 -13.40 -20.63
CA LEU A 29 17.36 -14.59 -21.40
C LEU A 29 16.63 -14.65 -22.75
N SER A 30 15.40 -14.15 -22.82
CA SER A 30 14.60 -14.23 -24.04
C SER A 30 14.62 -12.92 -24.82
N SER A 31 15.44 -11.98 -24.35
CA SER A 31 15.65 -10.67 -24.99
C SER A 31 14.37 -9.81 -25.03
N GLN A 32 13.59 -9.88 -23.96
CA GLN A 32 12.37 -9.09 -23.87
C GLN A 32 12.48 -8.16 -22.65
N PRO A 33 11.89 -6.97 -22.74
CA PRO A 33 11.91 -6.05 -21.59
C PRO A 33 11.01 -6.53 -20.42
N TYR A 34 9.83 -7.07 -20.70
CA TYR A 34 8.91 -7.45 -19.61
C TYR A 34 8.77 -8.95 -19.42
N CYS A 35 8.39 -9.32 -18.19
CA CYS A 35 7.80 -10.63 -17.98
C CYS A 35 6.32 -10.47 -17.66
N GLN A 36 5.46 -10.95 -18.55
CA GLN A 36 4.02 -10.91 -18.28
C GLN A 36 3.58 -12.00 -17.29
N ILE A 37 2.88 -11.57 -16.22
CA ILE A 37 2.16 -12.48 -15.34
C ILE A 37 0.65 -12.24 -15.48
N LYS A 38 -0.05 -13.25 -15.94
CA LYS A 38 -1.49 -13.19 -16.12
C LYS A 38 -2.17 -14.03 -15.05
N ILE A 39 -3.06 -13.40 -14.30
CA ILE A 39 -3.81 -14.09 -13.23
C ILE A 39 -5.27 -14.14 -13.64
N GLY A 40 -5.90 -15.29 -13.50
CA GLY A 40 -7.32 -15.42 -13.82
C GLY A 40 -7.72 -16.80 -14.29
N ARG A 41 -8.80 -16.87 -15.05
CA ARG A 41 -9.30 -18.11 -15.62
C ARG A 41 -8.18 -18.83 -16.37
N VAL A 42 -7.45 -18.05 -17.15
CA VAL A 42 -6.28 -18.51 -17.88
C VAL A 42 -5.09 -17.82 -17.23
N VAL A 43 -4.09 -18.61 -16.84
CA VAL A 43 -2.86 -18.06 -16.30
C VAL A 43 -1.75 -18.07 -17.34
N ALA A 44 -0.75 -17.22 -17.16
CA ALA A 44 0.36 -17.18 -18.10
C ALA A 44 1.62 -16.61 -17.49
N PHE A 45 2.75 -17.13 -17.93
CA PHE A 45 4.05 -16.55 -17.63
C PHE A 45 4.70 -16.41 -19.00
N LYS A 46 5.05 -15.19 -19.39
CA LYS A 46 5.64 -15.00 -20.71
C LYS A 46 6.41 -13.70 -20.85
N PRO A 47 7.67 -13.78 -21.29
CA PRO A 47 8.46 -12.59 -21.66
C PRO A 47 7.82 -11.90 -22.86
N VAL A 48 7.56 -10.60 -22.75
CA VAL A 48 6.91 -9.85 -23.84
C VAL A 48 7.55 -8.49 -24.11
N LYS A 49 7.23 -7.91 -25.25
CA LYS A 49 7.83 -6.65 -25.67
C LYS A 49 7.16 -5.46 -24.98
N ASN A 50 5.87 -5.60 -24.68
CA ASN A 50 5.12 -4.44 -24.20
C ASN A 50 3.91 -4.79 -23.33
N PRO A 51 3.54 -3.88 -22.43
CA PRO A 51 2.30 -4.05 -21.65
C PRO A 51 1.05 -3.87 -22.51
N GLU A 52 -0.02 -4.54 -22.11
CA GLU A 52 -1.29 -4.50 -22.83
C GLU A 52 -2.20 -3.49 -22.15
N PRO A 53 -3.23 -3.04 -22.84
CA PRO A 53 -4.21 -2.11 -22.26
C PRO A 53 -4.78 -2.61 -20.94
N LYS A 54 -5.06 -1.69 -20.02
CA LYS A 54 -5.56 -2.04 -18.69
C LYS A 54 -4.56 -2.86 -17.87
N GLY A 55 -3.32 -3.01 -18.38
CA GLY A 55 -2.27 -3.73 -17.68
C GLY A 55 -1.50 -2.91 -16.64
N TYR A 56 -0.82 -3.63 -15.76
CA TYR A 56 0.02 -3.05 -14.72
C TYR A 56 1.48 -3.22 -15.11
N VAL A 57 2.23 -2.13 -15.10
CA VAL A 57 3.67 -2.24 -15.21
C VAL A 57 4.21 -2.21 -13.80
N LEU A 58 4.82 -3.32 -13.41
CA LEU A 58 5.45 -3.42 -12.12
C LEU A 58 6.96 -3.32 -12.33
N ASN A 59 7.46 -2.10 -12.15
CA ASN A 59 8.87 -1.79 -12.21
C ASN A 59 9.45 -2.13 -10.84
N VAL A 60 10.30 -3.17 -10.77
CA VAL A 60 10.98 -3.49 -9.51
C VAL A 60 12.49 -3.49 -9.66
N PRO A 61 13.23 -3.28 -8.57
CA PRO A 61 14.70 -3.30 -8.60
C PRO A 61 15.33 -4.67 -8.25
N GLY A 62 14.52 -5.64 -7.84
CA GLY A 62 14.99 -6.96 -7.42
C GLY A 62 13.91 -7.74 -6.68
N PRO A 63 14.30 -8.84 -6.03
CA PRO A 63 13.32 -9.70 -5.36
C PRO A 63 12.62 -9.00 -4.20
N GLY A 64 11.43 -9.47 -3.84
CA GLY A 64 10.61 -8.81 -2.85
C GLY A 64 9.16 -9.21 -2.89
N ALA A 65 8.46 -8.87 -1.81
CA ALA A 65 7.02 -8.98 -1.73
C ALA A 65 6.41 -7.66 -2.20
N TYR A 66 5.57 -7.71 -3.23
CA TYR A 66 4.96 -6.51 -3.81
C TYR A 66 3.44 -6.65 -3.87
N ARG A 67 2.75 -5.66 -3.31
CA ARG A 67 1.29 -5.63 -3.34
C ARG A 67 0.82 -4.42 -4.12
N ILE A 68 0.25 -4.67 -5.30
CA ILE A 68 -0.29 -3.56 -6.07
C ILE A 68 -1.65 -3.17 -5.52
N GLN A 69 -1.81 -1.89 -5.17
CA GLN A 69 -3.09 -1.44 -4.62
C GLN A 69 -3.87 -0.46 -5.48
N ASP A 70 -4.89 -1.01 -6.10
CA ASP A 70 -5.68 -0.32 -7.09
C ASP A 70 -7.13 -0.30 -6.63
N GLY A 71 -7.38 0.42 -5.54
CA GLY A 71 -8.72 0.49 -4.98
C GLY A 71 -9.13 -0.84 -4.40
N GLN A 72 -10.16 -1.43 -4.99
CA GLN A 72 -10.67 -2.73 -4.56
C GLN A 72 -9.82 -3.88 -5.13
N ASP A 73 -9.15 -3.62 -6.25
CA ASP A 73 -8.27 -4.60 -6.89
C ASP A 73 -6.89 -4.60 -6.24
N ILE A 74 -6.56 -5.71 -5.58
CA ILE A 74 -5.29 -5.88 -4.89
C ILE A 74 -4.58 -7.12 -5.44
N ILE A 75 -3.39 -6.92 -5.99
CA ILE A 75 -2.58 -8.02 -6.53
C ILE A 75 -1.31 -8.23 -5.69
N SER A 76 -1.18 -9.40 -5.08
CA SER A 76 -0.04 -9.69 -4.21
C SER A 76 0.94 -10.61 -4.91
N LEU A 77 2.21 -10.21 -4.95
CA LEU A 77 3.20 -10.96 -5.71
C LEU A 77 4.46 -11.21 -4.90
N MET A 78 4.90 -12.46 -4.91
CA MET A 78 6.22 -12.82 -4.42
C MET A 78 7.15 -13.02 -5.62
N LEU A 79 8.11 -12.11 -5.77
CA LEU A 79 9.09 -12.25 -6.85
C LEU A 79 10.43 -12.61 -6.25
N THR A 80 10.86 -13.85 -6.49
CA THR A 80 12.15 -14.27 -5.97
C THR A 80 13.12 -14.46 -7.12
N PRO A 81 14.39 -14.75 -6.81
CA PRO A 81 15.37 -15.13 -7.84
C PRO A 81 14.98 -16.47 -8.47
N HIS A 82 14.21 -17.28 -7.75
CA HIS A 82 13.91 -18.63 -8.24
C HIS A 82 12.43 -18.93 -8.45
N GLY A 83 11.57 -17.93 -8.38
CA GLY A 83 10.15 -18.19 -8.47
C GLY A 83 9.30 -16.95 -8.51
N VAL A 84 8.10 -17.11 -9.02
CA VAL A 84 7.07 -16.08 -8.94
C VAL A 84 5.80 -16.73 -8.39
N GLU A 85 5.13 -16.03 -7.47
CA GLU A 85 3.85 -16.44 -6.94
C GLU A 85 2.92 -15.24 -6.85
N ALA A 86 1.67 -15.40 -7.26
CA ALA A 86 0.77 -14.25 -7.30
C ALA A 86 -0.72 -14.56 -7.08
N THR A 87 -1.44 -13.54 -6.64
CA THR A 87 -2.83 -13.72 -6.33
C THR A 87 -3.57 -12.39 -6.24
N THR A 88 -4.85 -12.51 -6.51
CA THR A 88 -5.77 -11.42 -6.60
C THR A 88 -6.58 -11.36 -5.31
N GLU A 89 -6.36 -12.36 -4.45
CA GLU A 89 -7.09 -12.44 -3.21
C GLU A 89 -6.19 -12.14 -1.99
N ARG A 90 -6.82 -12.11 -0.81
CA ARG A 90 -6.15 -11.74 0.42
C ARG A 90 -5.03 -12.73 0.67
N TRP A 91 -3.87 -12.24 1.08
CA TRP A 91 -2.73 -13.10 1.35
C TRP A 91 -2.01 -12.63 2.60
N GLU A 92 -2.65 -12.84 3.73
CA GLU A 92 -2.37 -12.05 4.93
C GLU A 92 -1.35 -12.64 5.90
N GLU A 93 -0.89 -13.86 5.62
CA GLU A 93 0.18 -14.47 6.40
C GLU A 93 1.52 -13.73 6.17
N TRP A 94 1.65 -13.03 5.04
CA TRP A 94 2.91 -12.38 4.67
C TRP A 94 2.81 -10.87 4.57
N LYS A 95 3.95 -10.20 4.79
CA LYS A 95 4.10 -8.76 4.59
C LYS A 95 4.34 -8.48 3.09
N PHE A 96 3.92 -7.30 2.64
CA PHE A 96 4.23 -6.82 1.29
C PHE A 96 4.58 -5.35 1.31
N GLU A 97 5.38 -4.95 0.33
CA GLU A 97 5.50 -3.54 0.01
C GLU A 97 4.24 -3.09 -0.74
N GLY A 98 3.45 -2.22 -0.10
CA GLY A 98 2.32 -1.57 -0.74
C GLY A 98 2.78 -0.67 -1.88
N VAL A 99 2.49 -1.10 -3.10
CA VAL A 99 2.90 -0.37 -4.28
C VAL A 99 1.67 0.38 -4.77
N SER A 100 1.85 1.65 -5.06
CA SER A 100 0.80 2.49 -5.63
C SER A 100 0.69 2.41 -7.16
N VAL A 101 -0.50 2.71 -7.65
CA VAL A 101 -0.78 2.74 -9.08
C VAL A 101 -0.87 4.19 -9.50
N THR A 102 -0.18 4.53 -10.58
CA THR A 102 -0.38 5.81 -11.23
C THR A 102 -0.76 5.51 -12.67
N PRO A 103 -2.00 5.78 -13.05
CA PRO A 103 -2.45 5.53 -14.41
C PRO A 103 -1.68 6.36 -15.45
N MET A 104 -1.51 5.81 -16.64
CA MET A 104 -0.80 6.49 -17.70
C MET A 104 -1.62 6.40 -18.96
N ALA A 105 -1.78 7.52 -19.64
CA ALA A 105 -2.34 7.54 -20.98
C ALA A 105 -1.19 7.23 -21.95
N THR A 106 -1.33 6.12 -22.68
CA THR A 106 -0.28 5.70 -23.59
C THR A 106 -0.85 5.26 -24.93
N ARG A 107 0.06 4.85 -25.82
CA ARG A 107 -0.24 4.04 -26.97
C ARG A 107 0.62 2.78 -26.94
N VAL A 108 -0.01 1.63 -27.21
CA VAL A 108 0.67 0.34 -27.17
C VAL A 108 0.14 -0.63 -28.23
N GLN A 109 0.99 -1.60 -28.58
CA GLN A 109 0.64 -2.75 -29.41
C GLN A 109 -0.31 -3.68 -28.66
N TYR A 110 -1.51 -3.86 -29.24
CA TYR A 110 -2.48 -4.86 -28.79
C TYR A 110 -2.92 -5.69 -30.00
N ASN A 111 -2.73 -7.01 -29.89
CA ASN A 111 -2.91 -7.94 -31.01
C ASN A 111 -2.15 -7.49 -32.25
N GLY A 112 -0.89 -7.10 -32.04
CA GLY A 112 -0.04 -6.57 -33.10
C GLY A 112 -0.51 -5.27 -33.73
N VAL A 113 -1.29 -4.46 -33.02
CA VAL A 113 -1.80 -3.17 -33.55
C VAL A 113 -1.73 -2.04 -32.51
N MET A 114 -1.46 -0.83 -32.99
CA MET A 114 -1.27 0.35 -32.13
C MET A 114 -2.58 1.00 -31.67
N VAL A 115 -2.81 1.01 -30.36
CA VAL A 115 -4.05 1.54 -29.78
C VAL A 115 -3.76 2.48 -28.60
N ASP A 116 -4.64 3.47 -28.41
CA ASP A 116 -4.64 4.33 -27.25
C ASP A 116 -5.10 3.54 -26.04
N ALA A 117 -4.35 3.59 -24.94
CA ALA A 117 -4.60 2.69 -23.81
C ALA A 117 -4.21 3.24 -22.45
N GLU A 118 -4.95 2.81 -21.43
CA GLU A 118 -4.59 3.09 -20.07
C GLU A 118 -3.69 1.97 -19.57
N ILE A 119 -2.53 2.36 -19.03
CA ILE A 119 -1.64 1.43 -18.36
C ILE A 119 -1.47 1.92 -16.92
N LYS A 120 -1.36 1.00 -15.99
CA LYS A 120 -1.18 1.38 -14.60
C LYS A 120 0.27 1.19 -14.23
N TYR A 121 0.95 2.31 -13.97
CA TYR A 121 2.37 2.30 -13.60
C TYR A 121 2.58 2.12 -12.09
N CYS A 122 3.42 1.15 -11.73
CA CYS A 122 3.64 0.77 -10.34
C CYS A 122 5.12 0.60 -10.11
N LYS A 123 5.66 1.39 -9.18
CA LYS A 123 7.08 1.34 -8.86
C LYS A 123 7.27 0.82 -7.45
N GLY A 124 7.95 -0.31 -7.35
CA GLY A 124 8.26 -0.92 -6.06
C GLY A 124 9.72 -0.65 -5.74
N MET A 125 10.02 -0.53 -4.47
CA MET A 125 11.36 -0.18 -4.02
C MET A 125 12.16 -1.40 -3.53
N GLY A 126 11.48 -2.53 -3.35
CA GLY A 126 12.15 -3.76 -2.96
C GLY A 126 12.62 -3.83 -1.52
N ILE A 127 11.84 -3.23 -0.62
CA ILE A 127 12.17 -3.16 0.81
C ILE A 127 11.49 -4.23 1.70
N VAL A 128 10.59 -5.02 1.13
CA VAL A 128 10.03 -6.16 1.87
C VAL A 128 10.44 -7.44 1.16
N GLN A 129 11.17 -8.29 1.87
CA GLN A 129 11.63 -9.56 1.35
C GLN A 129 10.45 -10.48 1.17
N PRO A 130 10.57 -11.42 0.22
CA PRO A 130 9.52 -12.41 -0.01
C PRO A 130 9.39 -13.32 1.21
N TYR A 131 8.16 -13.77 1.47
CA TYR A 131 7.87 -14.74 2.52
C TYR A 131 8.34 -14.35 3.91
N MET A 132 8.13 -13.07 4.27
CA MET A 132 8.24 -12.62 5.65
C MET A 132 6.85 -12.62 6.33
N ARG A 133 6.74 -13.30 7.46
CA ARG A 133 5.48 -13.35 8.23
C ARG A 133 4.97 -11.94 8.54
N ASN A 134 3.66 -11.74 8.44
CA ASN A 134 3.11 -10.45 8.87
C ASN A 134 2.77 -10.47 10.35
N ASP A 135 3.79 -10.60 11.18
CA ASP A 135 3.62 -10.54 12.63
C ASP A 135 4.96 -10.19 13.28
N PHE A 136 4.93 -9.93 14.58
CA PHE A 136 6.14 -9.60 15.30
C PHE A 136 6.56 -10.69 16.25
N ASP A 137 7.84 -11.05 16.22
CA ASP A 137 8.47 -11.67 17.39
C ASP A 137 8.46 -10.65 18.51
N ARG A 138 8.50 -11.12 19.75
CA ARG A 138 8.46 -10.22 20.89
C ARG A 138 9.60 -9.21 20.88
N ASN A 139 10.77 -9.58 20.36
CA ASN A 139 11.87 -8.62 20.26
C ASN A 139 11.73 -7.56 19.17
N GLU A 140 10.77 -7.77 18.27
CA GLU A 140 10.53 -6.86 17.14
C GLU A 140 9.36 -5.91 17.39
N MET A 141 8.62 -6.12 18.46
CA MET A 141 7.43 -5.31 18.70
C MET A 141 7.81 -3.88 19.03
N PRO A 142 7.07 -2.93 18.47
CA PRO A 142 7.23 -1.51 18.81
C PRO A 142 6.88 -1.26 20.27
N ASP A 143 7.59 -0.33 20.90
CA ASP A 143 7.22 0.15 22.21
C ASP A 143 6.17 1.24 22.02
N LEU A 144 4.92 0.93 22.37
CA LEU A 144 3.83 1.89 22.19
C LEU A 144 3.21 2.29 23.52
N PRO A 145 3.08 3.61 23.75
CA PRO A 145 2.47 4.11 24.99
C PRO A 145 1.07 3.52 25.20
N GLY A 146 0.75 3.22 26.46
CA GLY A 146 -0.51 2.61 26.84
C GLY A 146 -0.80 1.27 26.20
N VAL A 147 0.17 0.69 25.49
CA VAL A 147 0.02 -0.62 24.86
C VAL A 147 0.87 -1.66 25.60
N MET A 148 0.20 -2.51 26.36
CA MET A 148 0.88 -3.55 27.13
C MET A 148 0.94 -4.84 26.31
N ARG A 149 1.84 -5.74 26.72
CA ARG A 149 1.96 -7.05 26.08
C ARG A 149 0.88 -8.02 26.55
N SER A 150 0.44 -8.86 25.61
CA SER A 150 -0.52 -9.93 25.86
C SER A 150 0.23 -11.25 26.09
N ASN A 151 -0.40 -12.15 26.84
CA ASN A 151 0.05 -13.53 26.97
C ASN A 151 -0.31 -14.36 25.73
N TYR A 152 -1.29 -13.87 24.96
CA TYR A 152 -1.78 -14.58 23.79
C TYR A 152 -1.04 -14.20 22.50
N ASP A 153 -1.17 -15.07 21.51
CA ASP A 153 -0.76 -14.84 20.13
C ASP A 153 -1.80 -13.96 19.47
N ILE A 154 -1.46 -13.39 18.31
CA ILE A 154 -2.48 -12.84 17.43
C ILE A 154 -3.48 -13.94 17.08
N ARG A 155 -2.98 -15.03 16.49
CA ARG A 155 -3.80 -16.21 16.14
C ARG A 155 -4.60 -16.76 17.32
N GLU A 156 -3.96 -16.83 18.49
CA GLU A 156 -4.61 -17.35 19.68
C GLU A 156 -5.64 -16.40 20.29
N LEU A 157 -5.45 -15.09 20.08
CA LEU A 157 -6.39 -14.08 20.58
C LEU A 157 -7.72 -14.10 19.83
N ARG A 158 -7.66 -14.36 18.53
CA ARG A 158 -8.85 -14.63 17.73
C ARG A 158 -9.40 -16.01 18.16
N GLN A 159 -10.62 -16.02 18.71
CA GLN A 159 -11.13 -17.17 19.46
C GLN A 159 -12.68 -17.23 19.62
N LYS A 160 -13.41 -16.72 18.63
CA LYS A 160 -14.88 -16.66 18.71
C LYS A 160 -15.36 -15.43 19.49
N PHE B 8 -19.25 1.44 8.41
CA PHE B 8 -18.82 1.21 9.82
C PHE B 8 -17.67 2.14 10.23
N THR B 9 -17.38 2.16 11.53
CA THR B 9 -16.49 3.15 12.13
C THR B 9 -15.02 2.72 12.16
N LYS B 10 -14.13 3.62 11.73
CA LYS B 10 -12.70 3.36 11.81
C LYS B 10 -12.03 4.30 12.81
N ASN B 11 -11.21 3.73 13.70
CA ASN B 11 -10.47 4.54 14.65
C ASN B 11 -8.99 4.47 14.41
N ILE B 12 -8.40 5.63 14.14
CA ILE B 12 -6.97 5.71 13.85
C ILE B 12 -6.34 6.51 14.97
N PHE B 13 -5.33 5.90 15.58
CA PHE B 13 -4.61 6.54 16.66
C PHE B 13 -3.26 6.92 16.14
N VAL B 14 -3.15 8.21 15.83
CA VAL B 14 -1.93 8.75 15.29
C VAL B 14 -0.89 8.96 16.38
N LEU B 15 0.25 8.31 16.20
CA LEU B 15 1.42 8.53 17.04
C LEU B 15 2.42 9.32 16.22
N ASP B 16 2.62 10.57 16.62
CA ASP B 16 3.53 11.47 15.95
C ASP B 16 4.35 12.14 17.05
N VAL B 17 5.30 11.38 17.60
CA VAL B 17 6.11 11.78 18.76
C VAL B 17 6.82 13.13 18.55
N THR B 18 7.24 13.37 17.31
CA THR B 18 7.98 14.57 16.93
C THR B 18 7.06 15.79 16.83
N ALA B 19 5.74 15.57 16.83
CA ALA B 19 4.74 16.64 16.87
C ALA B 19 4.75 17.60 15.68
N LYS B 20 5.17 17.11 14.53
CA LYS B 20 5.25 17.94 13.31
C LYS B 20 3.90 18.04 12.59
N THR B 21 3.01 17.06 12.79
CA THR B 21 1.65 17.14 12.29
C THR B 21 0.73 17.80 13.30
N LEU B 22 -0.41 18.27 12.81
CA LEU B 22 -1.45 18.84 13.66
C LEU B 22 -1.85 17.82 14.72
N CYS B 23 -1.93 16.55 14.32
CA CYS B 23 -2.24 15.46 15.23
C CYS B 23 -1.31 15.41 16.42
N GLY B 24 -0.01 15.37 16.14
CA GLY B 24 1.03 15.33 17.16
C GLY B 24 1.02 16.54 18.07
N ALA B 25 0.83 17.72 17.49
CA ALA B 25 0.73 18.96 18.27
C ALA B 25 -0.54 18.99 19.14
N ILE B 26 -1.66 18.52 18.59
CA ILE B 26 -2.88 18.34 19.39
C ILE B 26 -2.49 17.51 20.61
N ALA B 27 -1.93 16.33 20.37
CA ALA B 27 -1.57 15.38 21.42
C ALA B 27 -0.56 15.90 22.44
N LYS B 28 0.53 16.52 21.97
CA LYS B 28 1.58 17.04 22.85
C LYS B 28 1.03 18.09 23.79
N LEU B 29 0.21 18.99 23.24
CA LEU B 29 -0.33 20.10 24.01
C LEU B 29 -1.37 19.63 25.04
N SER B 30 -1.94 18.43 24.82
CA SER B 30 -2.81 17.82 25.82
C SER B 30 -2.09 16.76 26.66
N SER B 31 -0.76 16.71 26.58
CA SER B 31 0.06 15.73 27.31
C SER B 31 -0.41 14.29 27.09
N GLN B 32 -0.77 13.97 25.85
CA GLN B 32 -1.20 12.63 25.49
C GLN B 32 -0.33 12.13 24.34
N PRO B 33 -0.11 10.82 24.28
CA PRO B 33 0.69 10.23 23.20
C PRO B 33 -0.01 10.16 21.84
N TYR B 34 -1.32 9.91 21.83
CA TYR B 34 -2.04 9.72 20.57
C TYR B 34 -3.03 10.83 20.26
N CYS B 35 -3.32 10.97 18.96
CA CYS B 35 -4.45 11.74 18.52
C CYS B 35 -5.41 10.79 17.86
N GLN B 36 -6.57 10.60 18.45
CA GLN B 36 -7.57 9.76 17.81
C GLN B 36 -8.23 10.50 16.67
N ILE B 37 -8.26 9.86 15.51
CA ILE B 37 -9.12 10.27 14.41
C ILE B 37 -10.20 9.20 14.26
N LYS B 38 -11.43 9.58 14.54
CA LYS B 38 -12.56 8.67 14.33
C LYS B 38 -13.32 9.05 13.07
N ILE B 39 -13.46 8.10 12.16
CA ILE B 39 -14.22 8.29 10.93
C ILE B 39 -15.40 7.35 10.91
N GLY B 40 -16.59 7.88 10.64
CA GLY B 40 -17.78 7.08 10.50
C GLY B 40 -18.99 7.97 10.68
N ARG B 41 -20.07 7.41 11.22
CA ARG B 41 -21.32 8.13 11.48
C ARG B 41 -21.06 9.24 12.52
N VAL B 42 -20.11 8.98 13.40
CA VAL B 42 -19.67 9.95 14.38
C VAL B 42 -18.21 10.21 14.13
N VAL B 43 -17.87 11.47 13.94
CA VAL B 43 -16.49 11.87 13.70
C VAL B 43 -15.86 12.39 14.98
N ALA B 44 -14.56 12.12 15.16
CA ALA B 44 -13.86 12.63 16.34
C ALA B 44 -12.41 12.96 16.08
N PHE B 45 -11.95 14.01 16.74
CA PHE B 45 -10.55 14.32 16.85
C PHE B 45 -10.27 14.56 18.32
N LYS B 46 -9.49 13.68 18.94
CA LYS B 46 -9.21 13.80 20.36
C LYS B 46 -7.89 13.12 20.78
N PRO B 47 -7.06 13.86 21.52
CA PRO B 47 -5.85 13.30 22.13
C PRO B 47 -6.21 12.29 23.22
N VAL B 48 -5.60 11.11 23.20
CA VAL B 48 -5.93 10.05 24.16
C VAL B 48 -4.69 9.29 24.61
N LYS B 49 -4.79 8.57 25.72
CA LYS B 49 -3.62 7.89 26.31
C LYS B 49 -3.28 6.55 25.68
N ASN B 50 -4.28 5.91 25.07
CA ASN B 50 -4.06 4.60 24.45
C ASN B 50 -5.03 4.32 23.30
N PRO B 51 -4.66 3.46 22.35
CA PRO B 51 -5.58 3.05 21.30
C PRO B 51 -6.67 2.11 21.85
N GLU B 52 -7.75 1.95 21.08
CA GLU B 52 -8.86 1.08 21.47
C GLU B 52 -8.75 -0.26 20.75
N PRO B 53 -9.42 -1.30 21.26
CA PRO B 53 -9.54 -2.57 20.54
C PRO B 53 -9.93 -2.33 19.07
N LYS B 54 -9.29 -3.02 18.14
CA LYS B 54 -9.58 -2.86 16.71
C LYS B 54 -9.11 -1.52 16.12
N GLY B 55 -8.44 -0.72 16.93
CA GLY B 55 -7.89 0.53 16.48
C GLY B 55 -6.65 0.33 15.62
N TYR B 56 -6.43 1.29 14.72
CA TYR B 56 -5.20 1.37 13.96
C TYR B 56 -4.26 2.32 14.68
N VAL B 57 -3.02 1.91 14.88
CA VAL B 57 -2.01 2.85 15.33
C VAL B 57 -1.19 3.25 14.12
N LEU B 58 -1.23 4.53 13.79
CA LEU B 58 -0.48 5.04 12.69
C LEU B 58 0.70 5.82 13.26
N ASN B 59 1.83 5.14 13.29
CA ASN B 59 3.08 5.72 13.73
C ASN B 59 3.71 6.46 12.54
N VAL B 60 3.83 7.77 12.65
CA VAL B 60 4.41 8.58 11.57
C VAL B 60 5.56 9.45 12.08
N PRO B 61 6.49 9.83 11.19
CA PRO B 61 7.58 10.73 11.56
C PRO B 61 7.28 12.22 11.27
N GLY B 62 6.12 12.49 10.70
CA GLY B 62 5.73 13.85 10.37
C GLY B 62 4.70 13.88 9.24
N PRO B 63 4.58 15.03 8.59
CA PRO B 63 3.58 15.21 7.51
C PRO B 63 3.72 14.18 6.43
N GLY B 64 2.61 13.82 5.80
CA GLY B 64 2.61 12.86 4.72
C GLY B 64 1.20 12.48 4.32
N ALA B 65 1.07 11.93 3.11
CA ALA B 65 -0.14 11.26 2.68
C ALA B 65 0.07 9.81 3.09
N TYR B 66 -0.87 9.26 3.85
CA TYR B 66 -0.77 7.86 4.29
C TYR B 66 -2.05 7.12 4.02
N ARG B 67 -1.90 5.94 3.44
CA ARG B 67 -3.01 5.07 3.14
C ARG B 67 -2.85 3.76 3.90
N ILE B 68 -3.77 3.50 4.83
CA ILE B 68 -3.79 2.22 5.50
C ILE B 68 -4.60 1.30 4.61
N GLN B 69 -3.99 0.22 4.18
CA GLN B 69 -4.63 -0.75 3.29
C GLN B 69 -4.81 -2.03 4.10
N ASP B 70 -6.00 -2.20 4.63
CA ASP B 70 -6.30 -3.35 5.46
C ASP B 70 -7.29 -4.23 4.73
N GLY B 71 -6.85 -4.83 3.62
CA GLY B 71 -7.72 -5.60 2.78
C GLY B 71 -8.59 -4.67 1.96
N GLN B 72 -9.90 -4.77 2.14
CA GLN B 72 -10.85 -3.86 1.48
C GLN B 72 -11.12 -2.63 2.35
N ASP B 73 -10.68 -2.66 3.60
CA ASP B 73 -10.64 -1.48 4.45
C ASP B 73 -9.48 -0.57 4.04
N ILE B 74 -9.80 0.50 3.33
CA ILE B 74 -8.79 1.45 2.91
C ILE B 74 -9.05 2.83 3.53
N ILE B 75 -8.11 3.27 4.36
CA ILE B 75 -8.22 4.58 5.00
C ILE B 75 -7.11 5.47 4.50
N SER B 76 -7.50 6.61 3.92
CA SER B 76 -6.57 7.54 3.31
C SER B 76 -6.53 8.85 4.09
N LEU B 77 -5.34 9.26 4.49
CA LEU B 77 -5.16 10.38 5.42
C LEU B 77 -4.11 11.38 4.94
N MET B 78 -4.45 12.65 5.02
CA MET B 78 -3.45 13.70 4.81
C MET B 78 -3.14 14.28 6.17
N LEU B 79 -1.89 14.16 6.59
CA LEU B 79 -1.46 14.74 7.84
C LEU B 79 -0.46 15.85 7.55
N THR B 80 -0.85 17.09 7.83
CA THR B 80 0.04 18.23 7.65
C THR B 80 0.29 18.91 9.00
N PRO B 81 1.20 19.88 9.07
CA PRO B 81 1.33 20.70 10.29
C PRO B 81 0.09 21.52 10.54
N HIS B 82 -0.78 21.64 9.55
CA HIS B 82 -1.90 22.58 9.67
C HIS B 82 -3.28 21.96 9.63
N GLY B 83 -3.37 20.66 9.45
CA GLY B 83 -4.67 20.06 9.30
C GLY B 83 -4.59 18.56 9.16
N VAL B 84 -5.74 17.92 9.36
CA VAL B 84 -5.91 16.52 9.07
C VAL B 84 -7.13 16.39 8.17
N GLU B 85 -7.00 15.54 7.14
CA GLU B 85 -8.12 15.19 6.26
C GLU B 85 -8.11 13.68 6.07
N ALA B 86 -9.27 13.05 6.16
CA ALA B 86 -9.29 11.58 6.09
C ALA B 86 -10.59 11.02 5.54
N THR B 87 -10.51 9.81 5.02
CA THR B 87 -11.63 9.19 4.37
C THR B 87 -11.41 7.70 4.28
N THR B 88 -12.52 7.00 4.18
CA THR B 88 -12.58 5.55 4.19
C THR B 88 -12.98 5.15 2.77
N GLU B 89 -13.21 6.18 1.95
CA GLU B 89 -13.64 6.02 0.59
C GLU B 89 -12.48 6.31 -0.34
N ARG B 90 -12.66 5.99 -1.61
CA ARG B 90 -11.63 6.14 -2.61
C ARG B 90 -11.21 7.60 -2.71
N TRP B 91 -9.92 7.82 -2.95
CA TRP B 91 -9.40 9.17 -3.01
C TRP B 91 -8.31 9.25 -4.06
N GLU B 92 -8.69 8.93 -5.30
CA GLU B 92 -7.76 8.69 -6.42
C GLU B 92 -6.97 9.89 -6.91
N GLU B 93 -7.49 11.09 -6.66
CA GLU B 93 -6.80 12.31 -7.11
C GLU B 93 -5.40 12.42 -6.52
N TRP B 94 -5.18 11.86 -5.33
CA TRP B 94 -3.92 12.06 -4.66
C TRP B 94 -3.07 10.80 -4.58
N LYS B 95 -1.76 11.00 -4.46
CA LYS B 95 -0.83 9.90 -4.17
C LYS B 95 -0.79 9.68 -2.67
N PHE B 96 -0.59 8.44 -2.25
CA PHE B 96 -0.39 8.12 -0.84
C PHE B 96 0.73 7.09 -0.67
N GLU B 97 1.40 7.17 0.48
CA GLU B 97 2.28 6.09 0.88
C GLU B 97 1.38 4.97 1.36
N GLY B 98 1.51 3.79 0.77
CA GLY B 98 0.79 2.64 1.27
C GLY B 98 1.52 2.07 2.48
N VAL B 99 0.92 2.16 3.65
CA VAL B 99 1.65 1.68 4.82
C VAL B 99 1.33 0.24 5.19
N SER B 100 2.34 -0.40 5.78
CA SER B 100 2.24 -1.68 6.47
C SER B 100 1.11 -1.73 7.49
N VAL B 101 0.38 -2.84 7.51
CA VAL B 101 -0.58 -3.15 8.55
C VAL B 101 -0.22 -4.49 9.19
N THR B 102 0.17 -4.45 10.44
CA THR B 102 0.57 -5.66 11.16
C THR B 102 -0.28 -5.79 12.43
N PRO B 103 -1.16 -6.80 12.48
CA PRO B 103 -1.97 -7.02 13.66
C PRO B 103 -1.11 -7.33 14.90
N MET B 104 -1.56 -6.93 16.07
CA MET B 104 -0.83 -7.22 17.31
C MET B 104 -1.80 -7.68 18.38
N ALA B 105 -1.37 -8.65 19.17
CA ALA B 105 -2.05 -8.98 20.41
C ALA B 105 -1.52 -8.03 21.46
N THR B 106 -2.43 -7.29 22.09
CA THR B 106 -2.08 -6.34 23.15
C THR B 106 -2.99 -6.49 24.36
N ARG B 107 -2.63 -5.81 25.43
CA ARG B 107 -3.57 -5.47 26.49
C ARG B 107 -3.74 -3.97 26.51
N VAL B 108 -5.00 -3.55 26.55
CA VAL B 108 -5.41 -2.15 26.35
C VAL B 108 -6.47 -1.72 27.38
N GLN B 109 -6.38 -0.48 27.87
CA GLN B 109 -7.40 0.06 28.77
C GLN B 109 -8.60 0.58 27.97
N TYR B 110 -9.74 -0.08 28.15
CA TYR B 110 -10.98 0.19 27.42
C TYR B 110 -12.14 0.35 28.39
N ASN B 111 -12.75 1.54 28.39
CA ASN B 111 -13.79 1.91 29.36
C ASN B 111 -13.42 1.56 30.80
N GLY B 112 -12.27 2.05 31.23
CA GLY B 112 -11.80 1.90 32.61
C GLY B 112 -11.40 0.50 33.03
N VAL B 113 -11.12 -0.37 32.05
CA VAL B 113 -10.78 -1.77 32.32
C VAL B 113 -9.74 -2.29 31.33
N MET B 114 -8.72 -3.01 31.85
CA MET B 114 -7.72 -3.69 31.04
C MET B 114 -8.34 -4.84 30.28
N VAL B 115 -8.24 -4.80 28.95
CA VAL B 115 -8.86 -5.80 28.10
C VAL B 115 -7.88 -6.39 27.06
N ASP B 116 -8.12 -7.63 26.66
CA ASP B 116 -7.33 -8.25 25.60
C ASP B 116 -7.85 -7.76 24.26
N ALA B 117 -6.94 -7.25 23.42
CA ALA B 117 -7.36 -6.59 22.19
C ALA B 117 -6.36 -6.71 21.06
N GLU B 118 -6.90 -6.81 19.85
CA GLU B 118 -6.12 -6.72 18.62
C GLU B 118 -5.97 -5.27 18.22
N ILE B 119 -4.75 -4.88 17.86
CA ILE B 119 -4.47 -3.56 17.38
C ILE B 119 -3.81 -3.75 16.03
N LYS B 120 -4.04 -2.83 15.13
CA LYS B 120 -3.37 -2.86 13.83
C LYS B 120 -2.23 -1.85 13.84
N TYR B 121 -1.01 -2.34 13.85
CA TYR B 121 0.16 -1.47 13.81
C TYR B 121 0.49 -1.04 12.37
N CYS B 122 0.56 0.27 12.15
CA CYS B 122 0.83 0.81 10.82
C CYS B 122 1.99 1.79 10.91
N LYS B 123 3.07 1.47 10.24
CA LYS B 123 4.25 2.29 10.31
C LYS B 123 4.39 3.09 9.02
N GLY B 124 4.30 4.40 9.15
CA GLY B 124 4.49 5.32 8.04
C GLY B 124 5.93 5.77 8.01
N MET B 125 6.48 5.91 6.81
CA MET B 125 7.85 6.36 6.64
C MET B 125 7.90 7.83 6.23
N GLY B 126 6.76 8.35 5.76
CA GLY B 126 6.65 9.72 5.31
C GLY B 126 7.25 10.02 3.94
N ILE B 127 7.14 9.07 3.00
CA ILE B 127 7.79 9.24 1.70
C ILE B 127 6.95 9.95 0.64
N VAL B 128 5.69 10.24 0.97
CA VAL B 128 4.78 10.94 0.06
C VAL B 128 4.19 12.17 0.70
N GLN B 129 4.54 13.32 0.13
CA GLN B 129 4.07 14.60 0.62
C GLN B 129 2.55 14.73 0.48
N PRO B 130 1.91 15.44 1.40
CA PRO B 130 0.47 15.72 1.28
C PRO B 130 0.09 16.42 -0.03
N TYR B 131 -1.09 16.09 -0.55
CA TYR B 131 -1.69 16.76 -1.70
C TYR B 131 -0.79 16.77 -2.97
N MET B 132 -0.15 15.63 -3.20
CA MET B 132 0.56 15.33 -4.45
C MET B 132 -0.43 14.68 -5.40
N ARG B 133 -0.65 15.29 -6.54
CA ARG B 133 -1.58 14.77 -7.53
C ARG B 133 -1.10 13.45 -8.11
N ASN B 134 -2.04 12.51 -8.25
CA ASN B 134 -1.71 11.14 -8.67
C ASN B 134 -1.77 10.95 -10.19
N ASP B 135 -0.96 11.72 -10.91
CA ASP B 135 -0.73 11.50 -12.34
C ASP B 135 0.66 11.97 -12.75
N PHE B 136 0.97 11.86 -14.04
CA PHE B 136 2.29 12.26 -14.52
C PHE B 136 2.21 13.52 -15.35
N ASP B 137 2.92 14.56 -14.90
CA ASP B 137 3.14 15.75 -15.71
C ASP B 137 4.01 15.38 -16.91
N ARG B 138 3.95 16.18 -17.97
CA ARG B 138 4.66 15.91 -19.22
C ARG B 138 6.17 15.66 -19.04
N ASN B 139 6.71 16.10 -17.91
CA ASN B 139 8.14 15.95 -17.58
C ASN B 139 8.44 14.61 -16.89
N GLU B 140 7.69 14.30 -15.84
CA GLU B 140 7.96 13.13 -15.00
C GLU B 140 7.42 11.79 -15.54
N MET B 141 6.96 11.80 -16.79
CA MET B 141 6.43 10.61 -17.46
C MET B 141 7.56 9.58 -17.69
N PRO B 142 7.41 8.39 -17.09
CA PRO B 142 8.46 7.37 -17.15
C PRO B 142 8.60 6.82 -18.55
N ASP B 143 9.84 6.54 -18.94
CA ASP B 143 10.08 5.98 -20.26
C ASP B 143 10.07 4.48 -20.11
N LEU B 144 9.21 3.85 -20.89
CA LEU B 144 9.00 2.42 -20.79
C LEU B 144 9.05 1.80 -22.17
N PRO B 145 9.82 0.73 -22.30
CA PRO B 145 9.95 0.03 -23.58
C PRO B 145 8.58 -0.36 -24.13
N GLY B 146 8.37 -0.16 -25.42
CA GLY B 146 7.10 -0.45 -26.06
C GLY B 146 5.92 0.39 -25.59
N VAL B 147 6.18 1.44 -24.81
CA VAL B 147 5.13 2.35 -24.39
C VAL B 147 5.30 3.71 -25.08
N MET B 148 4.40 4.00 -26.03
CA MET B 148 4.44 5.27 -26.76
C MET B 148 3.65 6.38 -26.04
N ARG B 149 3.87 7.62 -26.51
CA ARG B 149 3.16 8.82 -26.08
C ARG B 149 1.69 8.76 -26.51
N SER B 150 0.81 9.28 -25.67
CA SER B 150 -0.57 9.55 -26.08
C SER B 150 -0.82 11.05 -26.25
N ASN B 151 -1.66 11.39 -27.23
CA ASN B 151 -2.18 12.75 -27.38
C ASN B 151 -3.14 13.16 -26.27
N TYR B 152 -3.89 12.19 -25.74
CA TYR B 152 -4.97 12.46 -24.79
C TYR B 152 -4.46 12.38 -23.35
N ASP B 153 -5.05 13.20 -22.47
CA ASP B 153 -4.81 13.11 -21.03
C ASP B 153 -5.53 11.86 -20.51
N ILE B 154 -5.20 11.45 -19.29
CA ILE B 154 -5.85 10.29 -18.69
C ILE B 154 -7.38 10.46 -18.63
N ARG B 155 -7.83 11.62 -18.15
CA ARG B 155 -9.25 11.98 -18.09
C ARG B 155 -9.91 11.89 -19.47
N GLU B 156 -9.31 12.52 -20.47
CA GLU B 156 -9.86 12.56 -21.82
C GLU B 156 -9.87 11.20 -22.52
N LEU B 157 -9.12 10.24 -21.98
CA LEU B 157 -9.00 8.90 -22.57
C LEU B 157 -10.14 7.96 -22.13
N ARG B 158 -10.55 8.07 -20.88
CA ARG B 158 -11.68 7.32 -20.35
C ARG B 158 -12.96 7.83 -21.02
N GLN B 159 -13.55 7.00 -21.87
CA GLN B 159 -14.69 7.40 -22.70
C GLN B 159 -15.76 6.29 -22.80
N LYS B 160 -16.58 6.35 -23.85
CA LYS B 160 -17.71 5.42 -24.01
C LYS B 160 -18.14 5.31 -25.47
#